data_3BE2
#
_entry.id   3BE2
#
_cell.length_a   41.77
_cell.length_b   84.38
_cell.length_c   47.57
_cell.angle_alpha   90.00
_cell.angle_beta   100.09
_cell.angle_gamma   90.00
#
_symmetry.space_group_name_H-M   'P 1 21 1'
#
loop_
_entity.id
_entity.type
_entity.pdbx_description
1 polymer 'Vascular endothelial growth factor receptor 2'
2 non-polymer N-{3-[3-(DIMETHYLAMINO)PROPYL]-5-(TRIFLUOROMETHYL)PHENYL}-4-METHYL-3-[(3-PYRIMIDIN-4-YLPYRIDIN-2-YL)AMINO]BENZAMIDE
3 water water
#
_entity_poly.entity_id   1
_entity_poly.type   'polypeptide(L)'
_entity_poly.pdbx_seq_one_letter_code
;EHAERLPYDASKWEFPRDRLKLGKPLGRGAFGQVIEADAFGIDKTATCRTVAVKMLKEGATHSEHRALMSELKILIHIGH
HLNVVNLLGACTKPGGPLMVITEFCKFGNLSTYLRSKRNEFVPYKVAPEDLYKDFLTLEHLICYSFQVAKGMEFLASRKC
IHRDLAARNILLSEKNVVKICDFGLARDI(PTR)KDPD(PTR)VRKGDARLPLKWMAPETIFDRVYTIQSDVWSFGVLLW
EIFSLGASPYPGVKIDEEFCRRLKEGTRMRAPDYTTPEMYQTMLDCWHGEPSQRPTFSELVEHLGNLLQANAQQDRHHHH
HH
;
_entity_poly.pdbx_strand_id   A
#
loop_
_chem_comp.id
_chem_comp.type
_chem_comp.name
_chem_comp.formula
RAJ non-polymer N-{3-[3-(DIMETHYLAMINO)PROPYL]-5-(TRIFLUOROMETHYL)PHENYL}-4-METHYL-3-[(3-PYRIMIDIN-4-YLPYRIDIN-2-YL)AMINO]BENZAMIDE 'C29 H29 F3 N6 O'
#
# COMPACT_ATOMS: atom_id res chain seq x y z
N GLU A 1 -17.06 -12.26 -10.16
CA GLU A 1 -17.68 -11.16 -9.38
C GLU A 1 -18.67 -10.36 -10.22
N HIS A 2 -18.32 -10.11 -11.47
CA HIS A 2 -19.17 -9.35 -12.38
C HIS A 2 -19.47 -7.98 -11.77
N ALA A 3 -18.48 -7.44 -11.08
CA ALA A 3 -18.62 -6.14 -10.41
C ALA A 3 -19.00 -5.00 -11.35
N GLU A 4 -18.64 -5.13 -12.63
CA GLU A 4 -18.97 -4.08 -13.58
C GLU A 4 -20.47 -3.82 -13.69
N ARG A 5 -21.27 -4.81 -13.30
CA ARG A 5 -22.74 -4.71 -13.36
C ARG A 5 -23.39 -3.90 -12.23
N LEU A 6 -22.63 -3.56 -11.20
CA LEU A 6 -23.18 -2.83 -10.07
C LEU A 6 -23.76 -1.48 -10.42
N PRO A 7 -24.85 -1.07 -9.74
CA PRO A 7 -25.50 0.22 -9.99
C PRO A 7 -24.47 1.34 -9.82
N TYR A 8 -24.53 2.34 -10.69
CA TYR A 8 -23.61 3.46 -10.65
C TYR A 8 -24.29 4.77 -10.25
N ASP A 9 -23.85 5.35 -9.14
CA ASP A 9 -24.42 6.61 -8.69
C ASP A 9 -23.66 7.72 -9.41
N ALA A 10 -24.09 8.01 -10.64
CA ALA A 10 -23.42 9.02 -11.45
C ALA A 10 -23.43 10.41 -10.83
N SER A 11 -24.52 10.77 -10.17
CA SER A 11 -24.58 12.08 -9.54
C SER A 11 -23.47 12.22 -8.52
N LYS A 12 -23.09 11.10 -7.91
CA LYS A 12 -22.05 11.13 -6.89
C LYS A 12 -20.63 11.05 -7.44
N TRP A 13 -20.40 10.17 -8.42
CA TRP A 13 -19.08 9.95 -8.96
C TRP A 13 -18.64 10.54 -10.29
N GLU A 14 -19.59 10.79 -11.19
CA GLU A 14 -19.24 11.30 -12.53
C GLU A 14 -18.60 12.69 -12.50
N PHE A 15 -17.47 12.80 -13.19
CA PHE A 15 -16.74 14.07 -13.26
C PHE A 15 -16.57 14.45 -14.73
N PRO A 16 -16.76 15.75 -15.06
CA PRO A 16 -16.62 16.21 -16.44
C PRO A 16 -15.17 16.11 -16.91
N ARG A 17 -14.97 15.49 -18.07
CA ARG A 17 -13.63 15.35 -18.62
C ARG A 17 -13.00 16.71 -18.89
N ASP A 18 -13.82 17.71 -19.18
CA ASP A 18 -13.31 19.05 -19.47
C ASP A 18 -12.88 19.83 -18.23
N ARG A 19 -13.03 19.22 -17.06
CA ARG A 19 -12.64 19.85 -15.80
C ARG A 19 -11.29 19.31 -15.36
N LEU A 20 -10.62 18.60 -16.28
CA LEU A 20 -9.31 18.03 -16.01
C LEU A 20 -8.22 18.63 -16.88
N LYS A 21 -7.07 18.90 -16.28
CA LYS A 21 -5.90 19.40 -17.00
C LYS A 21 -4.93 18.23 -16.90
N LEU A 22 -4.73 17.53 -18.01
CA LEU A 22 -3.86 16.37 -18.04
C LEU A 22 -2.37 16.69 -18.06
N GLY A 23 -1.64 15.99 -17.20
CA GLY A 23 -0.20 16.22 -17.11
C GLY A 23 0.69 15.02 -17.37
N LYS A 24 1.84 15.01 -16.70
CA LYS A 24 2.82 13.95 -16.89
C LYS A 24 2.35 12.54 -16.56
N PRO A 25 2.78 11.56 -17.36
CA PRO A 25 2.41 10.16 -17.15
C PRO A 25 3.02 9.62 -15.86
N LEU A 26 2.26 8.77 -15.18
CA LEU A 26 2.71 8.16 -13.92
C LEU A 26 2.96 6.67 -14.12
N GLY A 27 2.40 6.10 -15.17
CA GLY A 27 2.59 4.69 -15.42
C GLY A 27 1.72 4.18 -16.55
N ARG A 28 1.97 2.94 -16.95
CA ARG A 28 1.19 2.35 -18.03
C ARG A 28 1.06 0.85 -17.84
N GLY A 29 -0.04 0.30 -18.36
CA GLY A 29 -0.29 -1.12 -18.26
C GLY A 29 -1.03 -1.59 -19.50
N ALA A 30 -1.53 -2.82 -19.49
CA ALA A 30 -2.25 -3.35 -20.64
C ALA A 30 -3.56 -2.60 -20.86
N PHE A 31 -4.08 -2.03 -19.77
CA PHE A 31 -5.33 -1.28 -19.78
C PHE A 31 -5.21 0.08 -20.48
N GLY A 32 -4.03 0.67 -20.40
CA GLY A 32 -3.82 1.97 -21.00
C GLY A 32 -2.74 2.73 -20.24
N GLN A 33 -3.07 3.93 -19.77
CA GLN A 33 -2.10 4.75 -19.07
C GLN A 33 -2.64 5.47 -17.84
N VAL A 34 -1.75 5.82 -16.92
CA VAL A 34 -2.15 6.56 -15.73
C VAL A 34 -1.39 7.88 -15.82
N ILE A 35 -2.11 8.99 -15.73
CA ILE A 35 -1.46 10.28 -15.82
C ILE A 35 -1.85 11.19 -14.67
N GLU A 36 -0.96 12.12 -14.37
CA GLU A 36 -1.20 13.09 -13.31
C GLU A 36 -2.06 14.17 -13.93
N ALA A 37 -2.94 14.76 -13.12
CA ALA A 37 -3.80 15.81 -13.64
C ALA A 37 -4.28 16.70 -12.51
N ASP A 38 -4.78 17.87 -12.87
CA ASP A 38 -5.35 18.80 -11.91
C ASP A 38 -6.83 18.84 -12.23
N ALA A 39 -7.65 18.62 -11.20
CA ALA A 39 -9.09 18.63 -11.36
C ALA A 39 -9.68 19.83 -10.65
N PHE A 40 -10.66 20.46 -11.28
CA PHE A 40 -11.29 21.63 -10.70
C PHE A 40 -12.72 21.32 -10.28
N GLY A 41 -12.94 21.36 -8.98
CA GLY A 41 -14.27 21.11 -8.43
C GLY A 41 -14.65 19.66 -8.23
N ILE A 42 -13.66 18.79 -8.06
CA ILE A 42 -13.96 17.37 -7.87
C ILE A 42 -14.47 17.14 -6.46
N ASP A 43 -14.24 18.11 -5.57
CA ASP A 43 -14.71 18.00 -4.19
C ASP A 43 -16.06 18.69 -4.04
N THR A 47 -12.57 24.59 -6.26
CA THR A 47 -11.13 24.65 -6.03
C THR A 47 -10.37 23.76 -7.01
N CYS A 48 -9.07 23.63 -6.79
CA CYS A 48 -8.23 22.81 -7.65
C CYS A 48 -7.53 21.75 -6.81
N ARG A 49 -7.42 20.55 -7.36
CA ARG A 49 -6.78 19.44 -6.65
C ARG A 49 -6.06 18.54 -7.65
N THR A 50 -4.84 18.15 -7.31
CA THR A 50 -4.07 17.27 -8.19
C THR A 50 -4.60 15.85 -7.97
N VAL A 51 -4.71 15.09 -9.05
CA VAL A 51 -5.23 13.73 -8.97
C VAL A 51 -4.47 12.78 -9.90
N ALA A 52 -4.76 11.50 -9.77
CA ALA A 52 -4.15 10.48 -10.64
C ALA A 52 -5.31 9.93 -11.46
N VAL A 53 -5.10 9.78 -12.76
CA VAL A 53 -6.16 9.31 -13.64
C VAL A 53 -5.76 8.06 -14.40
N LYS A 54 -6.52 6.98 -14.22
CA LYS A 54 -6.25 5.73 -14.92
C LYS A 54 -7.18 5.76 -16.12
N MET A 55 -6.59 5.80 -17.31
CA MET A 55 -7.36 5.89 -18.55
C MET A 55 -7.30 4.65 -19.43
N LEU A 56 -8.47 4.25 -19.94
CA LEU A 56 -8.55 3.10 -20.81
C LEU A 56 -8.06 3.47 -22.21
N LYS A 57 -7.14 2.68 -22.73
CA LYS A 57 -6.57 2.90 -24.05
C LYS A 57 -7.64 2.86 -25.14
N GLU A 58 -7.37 3.51 -26.27
CA GLU A 58 -8.30 3.48 -27.38
C GLU A 58 -8.15 2.09 -27.99
N GLY A 59 -9.23 1.55 -28.54
CA GLY A 59 -9.15 0.22 -29.14
C GLY A 59 -8.94 -0.89 -28.14
N ALA A 60 -9.24 -0.62 -26.88
CA ALA A 60 -9.09 -1.62 -25.83
C ALA A 60 -10.03 -2.77 -26.14
N THR A 61 -9.72 -3.96 -25.65
CA THR A 61 -10.59 -5.09 -25.88
C THR A 61 -11.75 -5.03 -24.91
N HIS A 62 -12.80 -5.79 -25.20
CA HIS A 62 -13.96 -5.82 -24.33
C HIS A 62 -13.56 -6.26 -22.93
N SER A 63 -12.68 -7.25 -22.83
CA SER A 63 -12.24 -7.75 -21.53
C SER A 63 -11.48 -6.68 -20.75
N GLU A 64 -10.66 -5.89 -21.45
CA GLU A 64 -9.90 -4.82 -20.82
C GLU A 64 -10.83 -3.72 -20.34
N HIS A 65 -11.83 -3.42 -21.16
CA HIS A 65 -12.78 -2.38 -20.81
C HIS A 65 -13.56 -2.87 -19.60
N ARG A 66 -14.01 -4.12 -19.64
CA ARG A 66 -14.77 -4.69 -18.53
C ARG A 66 -13.93 -4.66 -17.25
N ALA A 67 -12.64 -4.98 -17.38
CA ALA A 67 -11.74 -5.02 -16.23
C ALA A 67 -11.61 -3.69 -15.51
N LEU A 68 -11.47 -2.59 -16.26
CA LEU A 68 -11.36 -1.29 -15.64
C LEU A 68 -12.67 -0.87 -14.99
N MET A 69 -13.79 -1.17 -15.63
CA MET A 69 -15.08 -0.82 -15.05
C MET A 69 -15.27 -1.62 -13.76
N SER A 70 -14.84 -2.88 -13.78
CA SER A 70 -14.93 -3.73 -12.59
C SER A 70 -14.11 -3.11 -11.45
N GLU A 71 -12.89 -2.71 -11.75
CA GLU A 71 -12.03 -2.10 -10.74
C GLU A 71 -12.72 -0.87 -10.14
N LEU A 72 -13.36 -0.07 -10.99
CA LEU A 72 -14.06 1.12 -10.51
C LEU A 72 -15.18 0.75 -9.55
N LYS A 73 -16.01 -0.21 -9.95
CA LYS A 73 -17.12 -0.64 -9.11
C LYS A 73 -16.64 -1.27 -7.81
N ILE A 74 -15.52 -1.98 -7.87
CA ILE A 74 -14.97 -2.61 -6.67
C ILE A 74 -14.51 -1.53 -5.69
N LEU A 75 -13.83 -0.51 -6.20
CA LEU A 75 -13.37 0.59 -5.37
C LEU A 75 -14.56 1.28 -4.72
N ILE A 76 -15.63 1.47 -5.49
CA ILE A 76 -16.83 2.09 -4.95
C ILE A 76 -17.45 1.20 -3.88
N HIS A 77 -17.48 -0.10 -4.16
CA HIS A 77 -18.04 -1.07 -3.22
C HIS A 77 -17.26 -1.11 -1.91
N ILE A 78 -15.93 -1.14 -2.02
CA ILE A 78 -15.09 -1.18 -0.84
C ILE A 78 -15.39 -0.01 0.09
N GLY A 79 -15.46 1.19 -0.45
CA GLY A 79 -15.76 2.34 0.39
C GLY A 79 -14.52 3.10 0.84
N HIS A 80 -14.75 4.13 1.62
CA HIS A 80 -13.68 5.00 2.10
C HIS A 80 -12.88 4.61 3.34
N HIS A 81 -11.57 4.82 3.25
CA HIS A 81 -10.67 4.63 4.38
C HIS A 81 -9.45 5.48 4.12
N LEU A 82 -8.95 6.11 5.17
CA LEU A 82 -7.79 6.97 5.07
C LEU A 82 -6.57 6.29 4.46
N ASN A 83 -6.42 4.99 4.73
CA ASN A 83 -5.26 4.26 4.25
C ASN A 83 -5.46 3.36 3.04
N VAL A 84 -6.49 3.64 2.25
CA VAL A 84 -6.75 2.91 0.99
C VAL A 84 -6.86 4.04 -0.02
N VAL A 85 -6.04 4.00 -1.08
CA VAL A 85 -6.06 5.10 -2.06
C VAL A 85 -7.50 5.56 -2.33
N ASN A 86 -7.76 6.84 -2.08
CA ASN A 86 -9.09 7.41 -2.24
C ASN A 86 -9.61 7.64 -3.65
N LEU A 87 -10.73 6.99 -3.99
CA LEU A 87 -11.36 7.19 -5.29
C LEU A 87 -12.07 8.53 -5.18
N LEU A 88 -11.93 9.39 -6.19
CA LEU A 88 -12.55 10.71 -6.16
C LEU A 88 -13.62 10.89 -7.23
N GLY A 89 -13.52 10.11 -8.31
CA GLY A 89 -14.49 10.25 -9.38
C GLY A 89 -14.19 9.37 -10.57
N ALA A 90 -15.01 9.49 -11.60
CA ALA A 90 -14.81 8.71 -12.81
C ALA A 90 -15.44 9.42 -13.99
N CYS A 91 -14.97 9.07 -15.18
CA CYS A 91 -15.51 9.64 -16.42
C CYS A 91 -15.96 8.39 -17.15
N THR A 92 -17.28 8.17 -17.22
CA THR A 92 -17.81 6.98 -17.85
C THR A 92 -18.78 7.22 -19.00
N LYS A 93 -19.30 8.43 -19.11
CA LYS A 93 -20.26 8.74 -20.16
C LYS A 93 -19.61 8.93 -21.52
N PRO A 94 -20.39 8.80 -22.60
CA PRO A 94 -19.88 8.95 -23.96
C PRO A 94 -19.14 10.27 -24.16
N GLY A 95 -18.27 10.31 -25.16
CA GLY A 95 -17.53 11.52 -25.45
C GLY A 95 -16.06 11.47 -25.09
N GLY A 96 -15.61 10.35 -24.53
CA GLY A 96 -14.23 10.22 -24.15
C GLY A 96 -13.92 8.86 -23.56
N PRO A 97 -12.65 8.61 -23.21
CA PRO A 97 -12.27 7.32 -22.62
C PRO A 97 -12.77 7.13 -21.21
N LEU A 98 -12.85 5.88 -20.77
CA LEU A 98 -13.27 5.55 -19.42
C LEU A 98 -12.08 5.97 -18.57
N MET A 99 -12.35 6.71 -17.49
CA MET A 99 -11.28 7.16 -16.63
C MET A 99 -11.64 6.99 -15.16
N VAL A 100 -10.68 6.53 -14.37
CA VAL A 100 -10.87 6.33 -12.94
C VAL A 100 -9.95 7.32 -12.23
N ILE A 101 -10.53 8.19 -11.42
CA ILE A 101 -9.78 9.25 -10.74
C ILE A 101 -9.56 9.06 -9.23
N THR A 102 -8.30 9.07 -8.80
CA THR A 102 -8.00 8.93 -7.38
C THR A 102 -7.21 10.13 -6.88
N GLU A 103 -7.01 10.20 -5.58
CA GLU A 103 -6.23 11.28 -4.98
C GLU A 103 -4.80 11.09 -5.47
N PHE A 104 -3.99 12.14 -5.37
CA PHE A 104 -2.60 12.07 -5.79
C PHE A 104 -1.71 12.06 -4.56
N CYS A 105 -0.78 11.11 -4.51
CA CYS A 105 0.15 10.97 -3.41
C CYS A 105 1.51 11.39 -3.95
N LYS A 106 1.90 12.62 -3.60
CA LYS A 106 3.14 13.22 -4.09
C LYS A 106 4.47 12.54 -3.83
N PHE A 107 4.58 11.72 -2.79
CA PHE A 107 5.87 11.07 -2.52
C PHE A 107 6.11 9.74 -3.22
N GLY A 108 5.11 9.24 -3.93
CA GLY A 108 5.29 7.98 -4.64
C GLY A 108 5.23 6.73 -3.80
N ASN A 109 5.72 5.62 -4.34
CA ASN A 109 5.70 4.35 -3.63
C ASN A 109 6.69 4.36 -2.47
N LEU A 110 6.33 3.63 -1.42
CA LEU A 110 7.13 3.56 -0.20
C LEU A 110 8.51 2.94 -0.38
N SER A 111 8.63 1.92 -1.22
CA SER A 111 9.92 1.29 -1.43
C SER A 111 10.95 2.31 -1.91
N THR A 112 10.60 3.00 -3.00
CA THR A 112 11.51 4.01 -3.55
C THR A 112 11.74 5.18 -2.58
N TYR A 113 10.67 5.65 -1.94
CA TYR A 113 10.81 6.77 -1.02
C TYR A 113 11.75 6.44 0.13
N LEU A 114 11.51 5.33 0.80
CA LEU A 114 12.34 4.93 1.93
C LEU A 114 13.80 4.81 1.52
N ARG A 115 14.03 4.27 0.33
CA ARG A 115 15.37 4.09 -0.20
C ARG A 115 16.10 5.43 -0.29
N SER A 116 15.38 6.49 -0.64
CA SER A 116 15.97 7.82 -0.79
C SER A 116 16.29 8.52 0.54
N LYS A 117 15.82 7.95 1.65
CA LYS A 117 16.04 8.57 2.96
C LYS A 117 17.05 7.85 3.84
N ARG A 118 17.86 6.98 3.26
CA ARG A 118 18.83 6.23 4.05
C ARG A 118 19.90 7.08 4.73
N ASN A 119 20.19 8.24 4.16
CA ASN A 119 21.19 9.15 4.73
C ASN A 119 20.45 10.25 5.49
N GLU A 120 19.13 10.10 5.60
CA GLU A 120 18.30 11.06 6.29
C GLU A 120 17.39 10.33 7.29
N PHE A 121 18.02 9.53 8.14
CA PHE A 121 17.31 8.77 9.15
C PHE A 121 18.06 8.70 10.48
N VAL A 122 17.31 8.82 11.58
CA VAL A 122 17.86 8.72 12.92
C VAL A 122 16.77 8.05 13.74
N PRO A 123 17.16 7.19 14.70
CA PRO A 123 16.19 6.48 15.54
C PRO A 123 15.12 7.42 16.07
N TYR A 124 15.55 8.57 16.59
CA TYR A 124 14.64 9.57 17.11
C TYR A 124 15.40 10.88 17.18
N LYS A 125 14.68 12.00 17.09
CA LYS A 125 15.32 13.31 17.14
C LYS A 125 15.69 13.71 18.57
N VAL A 126 16.69 14.58 18.66
CA VAL A 126 17.16 15.10 19.94
C VAL A 126 17.31 16.60 19.71
N ALA A 127 16.94 17.40 20.71
CA ALA A 127 17.05 18.85 20.59
C ALA A 127 18.51 19.28 20.57
N PRO A 128 18.88 20.24 19.71
CA PRO A 128 18.00 20.93 18.76
C PRO A 128 17.59 20.04 17.60
N GLU A 129 16.28 19.92 17.38
CA GLU A 129 15.76 19.03 16.35
C GLU A 129 15.89 19.50 14.89
N ASP A 130 16.28 20.75 14.67
CA ASP A 130 16.42 21.22 13.30
C ASP A 130 17.58 20.54 12.60
N LEU A 131 18.45 19.91 13.38
CA LEU A 131 19.58 19.19 12.81
C LEU A 131 19.07 17.96 12.08
N TYR A 132 17.80 17.63 12.30
CA TYR A 132 17.20 16.45 11.67
C TYR A 132 15.94 16.80 10.88
N LYS A 133 15.92 18.00 10.32
CA LYS A 133 14.78 18.45 9.54
C LYS A 133 14.40 17.44 8.45
N ASP A 134 13.11 17.12 8.39
CA ASP A 134 12.56 16.18 7.42
C ASP A 134 13.17 14.78 7.40
N PHE A 135 13.91 14.44 8.45
CA PHE A 135 14.51 13.12 8.56
C PHE A 135 13.43 12.11 8.92
N LEU A 136 13.67 10.85 8.62
CA LEU A 136 12.73 9.81 9.00
C LEU A 136 13.23 9.29 10.34
N THR A 137 12.33 8.73 11.15
CA THR A 137 12.67 8.21 12.46
C THR A 137 11.92 6.90 12.67
N LEU A 138 12.20 6.22 13.78
CA LEU A 138 11.50 4.97 14.06
C LEU A 138 10.00 5.26 14.18
N GLU A 139 9.66 6.46 14.64
CA GLU A 139 8.26 6.84 14.79
C GLU A 139 7.58 6.82 13.43
N HIS A 140 8.26 7.34 12.40
CA HIS A 140 7.69 7.35 11.06
C HIS A 140 7.48 5.92 10.57
N LEU A 141 8.50 5.08 10.73
CA LEU A 141 8.42 3.69 10.27
C LEU A 141 7.33 2.88 10.98
N ILE A 142 7.17 3.07 12.28
CA ILE A 142 6.13 2.35 13.00
C ILE A 142 4.77 2.89 12.54
N CYS A 143 4.71 4.20 12.34
CA CYS A 143 3.50 4.87 11.90
C CYS A 143 3.05 4.33 10.54
N TYR A 144 3.97 4.19 9.60
CA TYR A 144 3.60 3.66 8.29
C TYR A 144 3.08 2.24 8.44
N SER A 145 3.77 1.45 9.25
CA SER A 145 3.39 0.06 9.48
C SER A 145 1.98 -0.03 10.05
N PHE A 146 1.73 0.80 11.06
CA PHE A 146 0.44 0.87 11.72
C PHE A 146 -0.68 1.21 10.74
N GLN A 147 -0.44 2.21 9.90
CA GLN A 147 -1.44 2.63 8.93
C GLN A 147 -1.75 1.54 7.93
N VAL A 148 -0.74 0.85 7.42
CA VAL A 148 -1.04 -0.20 6.47
C VAL A 148 -1.85 -1.30 7.15
N ALA A 149 -1.54 -1.59 8.41
CA ALA A 149 -2.29 -2.61 9.13
C ALA A 149 -3.75 -2.17 9.25
N LYS A 150 -3.96 -0.89 9.56
CA LYS A 150 -5.31 -0.32 9.67
C LYS A 150 -6.03 -0.49 8.33
N GLY A 151 -5.32 -0.16 7.25
CA GLY A 151 -5.92 -0.28 5.93
C GLY A 151 -6.28 -1.71 5.59
N MET A 152 -5.42 -2.66 5.95
CA MET A 152 -5.68 -4.05 5.66
C MET A 152 -6.81 -4.59 6.53
N GLU A 153 -6.87 -4.11 7.78
CA GLU A 153 -7.93 -4.53 8.68
C GLU A 153 -9.26 -4.11 8.06
N PHE A 154 -9.25 -2.93 7.43
CA PHE A 154 -10.44 -2.39 6.79
C PHE A 154 -10.83 -3.25 5.58
N LEU A 155 -9.88 -3.51 4.71
CA LEU A 155 -10.16 -4.33 3.52
C LEU A 155 -10.68 -5.71 3.94
N ALA A 156 -10.10 -6.27 4.99
CA ALA A 156 -10.53 -7.57 5.47
C ALA A 156 -11.99 -7.49 5.92
N SER A 157 -12.33 -6.44 6.66
CA SER A 157 -13.69 -6.26 7.15
C SER A 157 -14.68 -6.20 5.99
N ARG A 158 -14.20 -5.82 4.81
CA ARG A 158 -15.10 -5.75 3.68
C ARG A 158 -14.97 -6.96 2.76
N LYS A 159 -14.46 -8.04 3.33
CA LYS A 159 -14.29 -9.32 2.66
C LYS A 159 -13.35 -9.31 1.47
N CYS A 160 -12.30 -8.50 1.53
CA CYS A 160 -11.34 -8.43 0.44
C CYS A 160 -10.08 -9.19 0.81
N ILE A 161 -9.35 -9.62 -0.22
CA ILE A 161 -8.07 -10.29 -0.06
C ILE A 161 -7.22 -9.51 -1.06
N HIS A 162 -6.15 -8.87 -0.59
CA HIS A 162 -5.31 -8.06 -1.47
C HIS A 162 -4.53 -8.88 -2.51
N ARG A 163 -3.80 -9.87 -2.03
CA ARG A 163 -3.02 -10.78 -2.87
C ARG A 163 -1.67 -10.28 -3.40
N ASP A 164 -1.38 -8.99 -3.23
CA ASP A 164 -0.10 -8.47 -3.69
C ASP A 164 0.37 -7.32 -2.82
N LEU A 165 0.28 -7.52 -1.50
CA LEU A 165 0.70 -6.50 -0.55
C LEU A 165 2.23 -6.46 -0.56
N ALA A 166 2.78 -5.28 -0.81
CA ALA A 166 4.22 -5.07 -0.86
C ALA A 166 4.48 -3.56 -0.83
N ALA A 167 5.69 -3.16 -0.44
CA ALA A 167 6.01 -1.74 -0.34
C ALA A 167 5.75 -0.98 -1.65
N ARG A 168 5.99 -1.64 -2.78
CA ARG A 168 5.78 -1.00 -4.09
C ARG A 168 4.31 -0.64 -4.32
N ASN A 169 3.41 -1.25 -3.56
CA ASN A 169 1.99 -0.96 -3.69
C ASN A 169 1.45 -0.02 -2.63
N ILE A 170 2.35 0.63 -1.90
CA ILE A 170 1.95 1.59 -0.87
C ILE A 170 2.44 2.97 -1.29
N LEU A 171 1.52 3.94 -1.33
CA LEU A 171 1.90 5.29 -1.72
C LEU A 171 1.97 6.18 -0.49
N LEU A 172 2.82 7.20 -0.55
CA LEU A 172 2.97 8.14 0.55
C LEU A 172 2.47 9.52 0.14
N SER A 173 1.56 10.05 0.94
CA SER A 173 0.99 11.36 0.68
C SER A 173 1.50 12.33 1.73
N GLU A 174 0.84 13.49 1.84
CA GLU A 174 1.21 14.52 2.81
C GLU A 174 0.93 14.03 4.23
N LYS A 175 1.52 14.73 5.20
CA LYS A 175 1.31 14.41 6.61
C LYS A 175 1.65 12.97 6.96
N ASN A 176 2.57 12.39 6.21
CA ASN A 176 3.02 11.02 6.42
C ASN A 176 1.90 9.98 6.39
N VAL A 177 0.86 10.25 5.62
CA VAL A 177 -0.25 9.31 5.49
C VAL A 177 0.03 8.37 4.33
N VAL A 178 -0.08 7.07 4.55
CA VAL A 178 0.16 6.11 3.48
C VAL A 178 -1.14 5.50 2.97
N LYS A 179 -1.12 5.09 1.70
CA LYS A 179 -2.29 4.53 1.05
C LYS A 179 -1.98 3.18 0.40
N ILE A 180 -2.85 2.21 0.66
CA ILE A 180 -2.70 0.89 0.06
C ILE A 180 -3.30 0.98 -1.34
N CYS A 181 -2.58 0.42 -2.31
CA CYS A 181 -3.03 0.41 -3.71
C CYS A 181 -2.82 -0.99 -4.28
N ASP A 182 -3.21 -1.15 -5.53
CA ASP A 182 -3.02 -2.39 -6.27
C ASP A 182 -2.95 -1.93 -7.72
N PHE A 183 -1.72 -1.75 -8.20
CA PHE A 183 -1.52 -1.27 -9.56
C PHE A 183 -1.74 -2.34 -10.62
N GLY A 184 -1.92 -3.58 -10.19
CA GLY A 184 -2.13 -4.66 -11.13
C GLY A 184 -0.85 -5.10 -11.81
N PRO A 204 4.87 -12.47 -7.54
CA PRO A 204 5.57 -11.83 -6.43
C PRO A 204 6.04 -12.88 -5.42
N LEU A 205 6.81 -13.85 -5.90
CA LEU A 205 7.29 -14.93 -5.05
C LEU A 205 7.85 -14.54 -3.69
N LYS A 206 8.65 -13.49 -3.64
CA LYS A 206 9.25 -13.07 -2.37
C LYS A 206 8.27 -12.59 -1.32
N TRP A 207 7.04 -12.31 -1.73
CA TRP A 207 6.00 -11.83 -0.81
C TRP A 207 4.94 -12.88 -0.52
N MET A 208 5.06 -14.03 -1.18
CA MET A 208 4.07 -15.09 -1.03
C MET A 208 4.27 -16.08 0.11
N ALA A 209 3.17 -16.40 0.79
CA ALA A 209 3.19 -17.35 1.90
C ALA A 209 3.42 -18.73 1.29
N PRO A 210 3.95 -19.67 2.09
CA PRO A 210 4.20 -21.02 1.61
C PRO A 210 2.99 -21.70 0.96
N GLU A 211 1.83 -21.55 1.58
CA GLU A 211 0.61 -22.17 1.06
C GLU A 211 0.24 -21.58 -0.30
N THR A 212 0.63 -20.32 -0.51
CA THR A 212 0.35 -19.62 -1.75
C THR A 212 1.31 -20.10 -2.84
N ILE A 213 2.58 -20.22 -2.48
CA ILE A 213 3.60 -20.68 -3.41
C ILE A 213 3.35 -22.09 -3.92
N PHE A 214 3.12 -23.01 -2.98
CA PHE A 214 2.92 -24.41 -3.33
C PHE A 214 1.54 -24.81 -3.79
N ASP A 215 0.51 -24.26 -3.16
CA ASP A 215 -0.85 -24.65 -3.52
C ASP A 215 -1.75 -23.55 -4.05
N ARG A 216 -1.16 -22.39 -4.34
CA ARG A 216 -1.92 -21.27 -4.88
C ARG A 216 -3.11 -20.85 -4.02
N VAL A 217 -2.95 -20.99 -2.71
CA VAL A 217 -3.99 -20.62 -1.75
C VAL A 217 -3.80 -19.16 -1.29
N TYR A 218 -4.85 -18.36 -1.47
CA TYR A 218 -4.83 -16.95 -1.05
C TYR A 218 -5.94 -16.68 -0.03
N THR A 219 -5.56 -16.10 1.10
CA THR A 219 -6.52 -15.77 2.14
C THR A 219 -6.02 -14.52 2.85
N ILE A 220 -6.83 -13.97 3.75
CA ILE A 220 -6.40 -12.79 4.46
C ILE A 220 -5.14 -13.13 5.26
N GLN A 221 -5.02 -14.40 5.65
CA GLN A 221 -3.85 -14.81 6.41
C GLN A 221 -2.58 -14.89 5.55
N SER A 222 -2.72 -15.08 4.25
CA SER A 222 -1.53 -15.09 3.39
C SER A 222 -1.16 -13.62 3.18
N ASP A 223 -2.15 -12.72 3.26
CA ASP A 223 -1.88 -11.28 3.14
C ASP A 223 -1.06 -10.86 4.36
N VAL A 224 -1.31 -11.51 5.50
CA VAL A 224 -0.56 -11.19 6.71
C VAL A 224 0.91 -11.56 6.50
N TRP A 225 1.15 -12.70 5.86
CA TRP A 225 2.53 -13.12 5.59
C TRP A 225 3.18 -12.02 4.74
N SER A 226 2.49 -11.59 3.69
CA SER A 226 3.02 -10.54 2.83
C SER A 226 3.25 -9.25 3.62
N PHE A 227 2.38 -8.99 4.60
CA PHE A 227 2.52 -7.79 5.42
C PHE A 227 3.84 -7.87 6.18
N GLY A 228 4.20 -9.08 6.59
CA GLY A 228 5.45 -9.27 7.30
C GLY A 228 6.63 -8.92 6.41
N VAL A 229 6.55 -9.25 5.12
CA VAL A 229 7.64 -8.91 4.21
C VAL A 229 7.67 -7.40 4.04
N LEU A 230 6.49 -6.79 3.94
CA LEU A 230 6.38 -5.34 3.81
C LEU A 230 7.03 -4.66 5.02
N LEU A 231 6.86 -5.25 6.20
CA LEU A 231 7.47 -4.70 7.41
C LEU A 231 8.99 -4.74 7.26
N TRP A 232 9.50 -5.84 6.72
CA TRP A 232 10.93 -5.98 6.52
C TRP A 232 11.38 -4.88 5.56
N GLU A 233 10.60 -4.65 4.50
CA GLU A 233 10.93 -3.61 3.53
C GLU A 233 10.98 -2.25 4.19
N ILE A 234 10.03 -1.99 5.09
CA ILE A 234 9.99 -0.71 5.76
C ILE A 234 11.19 -0.50 6.69
N PHE A 235 11.50 -1.50 7.49
CA PHE A 235 12.61 -1.35 8.42
C PHE A 235 14.01 -1.64 7.86
N SER A 236 14.07 -1.79 6.54
CA SER A 236 15.34 -1.98 5.84
C SER A 236 15.46 -0.73 4.97
N LEU A 237 14.50 0.17 5.13
CA LEU A 237 14.42 1.40 4.34
C LEU A 237 14.43 1.12 2.85
N GLY A 238 13.48 0.31 2.40
CA GLY A 238 13.33 0.00 0.99
C GLY A 238 14.23 -1.02 0.33
N ALA A 239 14.80 -1.94 1.11
CA ALA A 239 15.68 -2.95 0.50
C ALA A 239 14.85 -4.04 -0.16
N SER A 240 15.48 -4.78 -1.06
CA SER A 240 14.82 -5.88 -1.75
C SER A 240 14.88 -7.10 -0.83
N PRO A 241 13.72 -7.75 -0.62
CA PRO A 241 13.66 -8.94 0.24
C PRO A 241 14.65 -10.05 -0.16
N TYR A 242 15.02 -10.86 0.81
CA TYR A 242 15.93 -11.99 0.61
C TYR A 242 17.21 -11.67 -0.15
N PRO A 243 18.00 -10.73 0.37
CA PRO A 243 19.25 -10.38 -0.31
C PRO A 243 20.18 -11.58 -0.47
N GLY A 244 20.88 -11.62 -1.61
CA GLY A 244 21.82 -12.69 -1.89
C GLY A 244 21.22 -14.06 -2.16
N VAL A 245 19.91 -14.13 -2.33
CA VAL A 245 19.23 -15.39 -2.57
C VAL A 245 18.50 -15.47 -3.90
N LYS A 246 18.73 -16.53 -4.67
CA LYS A 246 18.04 -16.71 -5.94
C LYS A 246 16.70 -17.35 -5.61
N ILE A 247 15.62 -16.83 -6.17
CA ILE A 247 14.30 -17.38 -5.89
C ILE A 247 14.00 -18.58 -6.77
N ASP A 248 14.38 -19.76 -6.28
CA ASP A 248 14.17 -21.01 -7.02
C ASP A 248 13.68 -22.11 -6.08
N GLU A 249 13.66 -23.34 -6.57
CA GLU A 249 13.18 -24.45 -5.77
C GLU A 249 13.87 -24.60 -4.41
N GLU A 250 15.14 -24.20 -4.34
CA GLU A 250 15.89 -24.28 -3.09
C GLU A 250 15.33 -23.24 -2.11
N PHE A 251 14.96 -22.09 -2.64
CA PHE A 251 14.39 -21.03 -1.82
C PHE A 251 13.09 -21.54 -1.19
N CYS A 252 12.24 -22.14 -2.01
CA CYS A 252 10.96 -22.65 -1.54
C CYS A 252 11.14 -23.77 -0.52
N ARG A 253 12.13 -24.62 -0.75
CA ARG A 253 12.40 -25.73 0.15
C ARG A 253 12.76 -25.22 1.54
N ARG A 254 13.70 -24.28 1.57
CA ARG A 254 14.14 -23.72 2.84
C ARG A 254 13.06 -22.88 3.52
N LEU A 255 12.23 -22.21 2.72
CA LEU A 255 11.15 -21.41 3.29
C LEU A 255 10.19 -22.34 4.01
N LYS A 256 9.78 -23.40 3.32
CA LYS A 256 8.87 -24.38 3.89
C LYS A 256 9.49 -25.01 5.14
N GLU A 257 10.81 -25.10 5.17
CA GLU A 257 11.54 -25.69 6.29
C GLU A 257 11.63 -24.75 7.51
N GLY A 258 11.38 -23.47 7.29
CA GLY A 258 11.43 -22.53 8.40
C GLY A 258 12.43 -21.40 8.31
N THR A 259 13.24 -21.38 7.25
CA THR A 259 14.23 -20.31 7.07
C THR A 259 13.53 -18.98 6.85
N ARG A 260 14.00 -17.94 7.53
CA ARG A 260 13.41 -16.61 7.41
C ARG A 260 14.48 -15.54 7.27
N MET A 261 14.10 -14.36 6.80
CA MET A 261 15.05 -13.26 6.65
C MET A 261 15.59 -12.82 8.00
N ARG A 262 16.81 -12.31 8.01
CA ARG A 262 17.43 -11.83 9.22
C ARG A 262 16.88 -10.43 9.49
N ALA A 263 17.07 -9.93 10.71
CA ALA A 263 16.59 -8.61 11.08
C ALA A 263 17.18 -7.53 10.17
N PRO A 264 16.33 -6.61 9.67
CA PRO A 264 16.82 -5.55 8.79
C PRO A 264 17.58 -4.50 9.61
N ASP A 265 18.35 -3.67 8.93
CA ASP A 265 19.20 -2.66 9.56
C ASP A 265 18.58 -1.63 10.49
N TYR A 266 17.32 -1.26 10.27
CA TYR A 266 16.71 -0.24 11.11
C TYR A 266 15.58 -0.71 12.02
N THR A 267 15.46 -2.02 12.20
CA THR A 267 14.39 -2.55 13.02
C THR A 267 14.64 -2.47 14.52
N THR A 268 13.55 -2.66 15.28
CA THR A 268 13.61 -2.69 16.73
C THR A 268 13.37 -4.16 17.02
N PRO A 269 13.69 -4.63 18.23
CA PRO A 269 13.46 -6.03 18.54
C PRO A 269 12.00 -6.44 18.39
N GLU A 270 11.10 -5.60 18.89
CA GLU A 270 9.67 -5.86 18.81
C GLU A 270 9.18 -5.98 17.37
N MET A 271 9.63 -5.09 16.51
CA MET A 271 9.20 -5.13 15.12
C MET A 271 9.71 -6.38 14.42
N TYR A 272 10.92 -6.82 14.75
CA TYR A 272 11.44 -8.02 14.10
C TYR A 272 10.65 -9.25 14.54
N GLN A 273 10.28 -9.32 15.82
CA GLN A 273 9.51 -10.46 16.27
C GLN A 273 8.15 -10.47 15.60
N THR A 274 7.64 -9.27 15.31
CA THR A 274 6.35 -9.16 14.65
C THR A 274 6.47 -9.74 13.24
N MET A 275 7.58 -9.45 12.57
CA MET A 275 7.79 -10.00 11.23
C MET A 275 7.77 -11.53 11.34
N LEU A 276 8.52 -12.07 12.30
CA LEU A 276 8.58 -13.50 12.50
C LEU A 276 7.20 -14.08 12.76
N ASP A 277 6.39 -13.37 13.54
CA ASP A 277 5.02 -13.82 13.83
C ASP A 277 4.22 -13.89 12.54
N CYS A 278 4.35 -12.86 11.71
CA CYS A 278 3.62 -12.81 10.44
C CYS A 278 4.05 -13.92 9.51
N TRP A 279 5.26 -14.44 9.72
CA TRP A 279 5.78 -15.49 8.88
C TRP A 279 5.64 -16.88 9.50
N HIS A 280 4.65 -17.07 10.36
CA HIS A 280 4.47 -18.37 10.96
C HIS A 280 4.08 -19.36 9.86
N GLY A 281 4.60 -20.58 9.95
CA GLY A 281 4.30 -21.58 8.95
C GLY A 281 2.82 -21.91 8.81
N GLU A 282 2.11 -21.91 9.94
CA GLU A 282 0.67 -22.20 9.94
C GLU A 282 -0.09 -20.89 9.81
N PRO A 283 -0.86 -20.72 8.72
CA PRO A 283 -1.60 -19.48 8.55
C PRO A 283 -2.49 -19.10 9.73
N SER A 284 -3.09 -20.10 10.38
CA SER A 284 -3.96 -19.82 11.52
C SER A 284 -3.19 -19.29 12.73
N GLN A 285 -1.89 -19.51 12.76
CA GLN A 285 -1.07 -19.06 13.89
C GLN A 285 -0.46 -17.67 13.69
N ARG A 286 -0.66 -17.09 12.52
CA ARG A 286 -0.12 -15.75 12.27
C ARG A 286 -1.13 -14.80 12.89
N PRO A 287 -0.68 -13.61 13.32
CA PRO A 287 -1.63 -12.68 13.91
C PRO A 287 -2.63 -12.22 12.86
N THR A 288 -3.78 -11.70 13.30
CA THR A 288 -4.77 -11.19 12.37
C THR A 288 -4.45 -9.71 12.20
N PHE A 289 -5.01 -9.06 11.19
CA PHE A 289 -4.73 -7.64 11.01
C PHE A 289 -5.27 -6.84 12.19
N SER A 290 -6.36 -7.31 12.78
CA SER A 290 -6.92 -6.62 13.94
C SER A 290 -5.92 -6.65 15.10
N GLU A 291 -5.26 -7.79 15.28
CA GLU A 291 -4.28 -7.93 16.35
C GLU A 291 -3.05 -7.10 16.03
N LEU A 292 -2.73 -6.99 14.75
CA LEU A 292 -1.58 -6.21 14.30
C LEU A 292 -1.86 -4.73 14.55
N VAL A 293 -3.10 -4.32 14.32
CA VAL A 293 -3.48 -2.93 14.55
C VAL A 293 -3.33 -2.60 16.03
N GLU A 294 -3.75 -3.53 16.89
CA GLU A 294 -3.65 -3.33 18.34
C GLU A 294 -2.20 -3.23 18.79
N HIS A 295 -1.42 -4.22 18.37
CA HIS A 295 0.00 -4.31 18.72
C HIS A 295 0.82 -3.12 18.20
N LEU A 296 0.72 -2.85 16.90
CA LEU A 296 1.47 -1.73 16.33
C LEU A 296 1.02 -0.39 16.91
N GLY A 297 -0.26 -0.31 17.27
CA GLY A 297 -0.76 0.93 17.84
C GLY A 297 -0.10 1.18 19.19
N ASN A 298 0.04 0.12 19.97
CA ASN A 298 0.67 0.23 21.28
C ASN A 298 2.14 0.59 21.14
N LEU A 299 2.82 -0.06 20.20
CA LEU A 299 4.24 0.23 19.97
C LEU A 299 4.39 1.69 19.54
N LEU A 300 3.49 2.15 18.68
CA LEU A 300 3.53 3.53 18.22
C LEU A 300 3.30 4.52 19.35
N GLN A 301 2.30 4.26 20.18
CA GLN A 301 2.01 5.14 21.30
C GLN A 301 3.20 5.23 22.26
N ALA A 302 3.81 4.09 22.55
CA ALA A 302 4.95 4.05 23.45
C ALA A 302 6.12 4.86 22.89
N ASN A 303 6.35 4.73 21.59
CA ASN A 303 7.43 5.46 20.95
C ASN A 303 7.15 6.95 20.88
N ALA A 304 5.92 7.32 20.55
CA ALA A 304 5.52 8.72 20.43
C ALA A 304 5.53 9.51 21.73
N GLN A 305 5.26 8.84 22.85
CA GLN A 305 5.22 9.51 24.15
C GLN A 305 6.47 9.26 25.02
N GLN A 306 7.39 8.46 24.50
CA GLN A 306 8.62 8.11 25.20
C GLN A 306 9.48 9.28 25.66
N ASP A 307 9.72 10.23 24.76
CA ASP A 307 10.53 11.40 25.05
C ASP A 307 9.69 12.46 25.76
N ARG A 308 10.06 12.76 27.01
CA ARG A 308 9.33 13.73 27.80
C ARG A 308 9.99 15.10 27.81
N HIS A 309 11.04 15.26 27.01
CA HIS A 309 11.77 16.52 26.93
C HIS A 309 10.86 17.76 26.90
N HIS A 310 9.93 17.80 25.94
CA HIS A 310 9.04 18.95 25.80
C HIS A 310 7.81 18.90 26.69
N HIS A 311 7.76 17.96 27.62
CA HIS A 311 6.60 17.82 28.48
C HIS A 311 6.85 18.01 29.96
N HIS A 312 7.56 19.08 30.31
CA HIS A 312 7.84 19.35 31.72
C HIS A 312 6.66 20.11 32.30
C28 RAJ B . -5.54 -5.86 -10.07
N6 RAJ B . -6.63 -4.86 -10.06
C29 RAJ B . -6.17 -3.59 -10.64
C27 RAJ B . -7.07 -4.69 -8.66
C26 RAJ B . -8.48 -4.14 -8.64
C25 RAJ B . -8.95 -3.84 -7.22
C20 RAJ B . -8.20 -2.66 -6.61
C19 RAJ B . -7.80 -1.53 -7.41
C21 RAJ B . -7.88 -2.70 -5.21
C22 RAJ B . -7.15 -1.61 -4.58
C24 RAJ B . -6.77 -1.63 -3.06
F2 RAJ B . -5.81 -2.49 -2.85
F3 RAJ B . -7.82 -1.96 -2.33
F1 RAJ B . -6.35 -0.48 -2.62
C23 RAJ B . -6.77 -0.50 -5.43
C18 RAJ B . -7.09 -0.44 -6.82
N5 RAJ B . -6.72 0.63 -7.60
C17 RAJ B . -5.61 1.40 -7.39
O1 RAJ B . -4.77 1.15 -6.54
C12 RAJ B . -5.50 2.57 -8.26
C11 RAJ B . -4.30 3.35 -8.14
C13 RAJ B . -6.59 2.89 -9.15
C14 RAJ B . -6.50 4.07 -9.97
C15 RAJ B . -5.31 4.84 -9.86
C16 RAJ B . -5.18 6.08 -10.69
C10 RAJ B . -4.23 4.52 -8.97
N4 RAJ B . -3.13 5.32 -8.93
C9 RAJ B . -1.97 5.10 -9.62
N3 RAJ B . -1.95 4.03 -10.51
C8 RAJ B . -0.89 3.61 -11.29
C7 RAJ B . 0.31 4.37 -11.16
C6 RAJ B . 0.35 5.49 -10.25
C5 RAJ B . -0.79 5.92 -9.42
C3 RAJ B . -0.72 7.08 -8.46
C2 RAJ B . 0.46 7.91 -8.26
C1 RAJ B . 0.33 8.96 -7.30
N2 RAJ B . -0.86 9.16 -6.61
C4 RAJ B . -1.97 8.40 -6.77
N1 RAJ B . -1.89 7.39 -7.68
#